data_3GX6
#
_entry.id   3GX6
#
_cell.length_a   62.390
_cell.length_b   62.390
_cell.length_c   157.844
_cell.angle_alpha   90.00
_cell.angle_beta   90.00
_cell.angle_gamma   90.00
#
_symmetry.space_group_name_H-M   'P 43 21 2'
#
loop_
_entity.id
_entity.type
_entity.pdbx_description
1 polymer 'RNA (94-MER)'
2 non-polymer S-ADENOSYLMETHIONINE
3 non-polymer 'MANGANESE (II) ION'
#
_entity_poly.entity_id   1
_entity_poly.type   'polyribonucleotide'
_entity_poly.pdbx_seq_one_letter_code
;GGCUUAUCAAGAGAGGUGGAGGGACUGGCCCGACGAAACCCGGCAACCAGAAAUGGUGCCAAUUCCUGCAGCGGAAACGU
UGAAAGAUGAGCCG
;
_entity_poly.pdbx_strand_id   A
#